data_8Q4V
#
_entry.id   8Q4V
#
_cell.length_a   39.800
_cell.length_b   103.840
_cell.length_c   41.910
_cell.angle_alpha   90.000
_cell.angle_beta   104.850
_cell.angle_gamma   90.000
#
_symmetry.space_group_name_H-M   'P 1 21 1'
#
loop_
_entity.id
_entity.type
_entity.pdbx_description
1 polymer 'YTH domain-containing protein 1'
2 non-polymer 2-chloranyl-9-[(3-chlorophenyl)methyl]-~{N}-cyclopropyl-7,8-dihydropurin-6-amine
3 non-polymer 'SULFATE ION'
4 water water
#
_entity_poly.entity_id   1
_entity_poly.type   'polypeptide(L)'
_entity_poly.pdbx_seq_one_letter_code
;GTSKLKYVLQDARFFLIKSNNHENVSLAKAKGVWSTLPVNEKKLNLAFRSARSVILIFSVRESGKFQGFARLSSESHHGG
SPIHWVLPAGMSAKMLGGVFKIDWICRRELPFTKSAHLTNPWNEHKPVKIGRDGQEIELECGTQLCLLFPPDESIDLYQV
IHKMRH
;
_entity_poly.pdbx_strand_id   A,B
#
loop_
_chem_comp.id
_chem_comp.type
_chem_comp.name
_chem_comp.formula
JO0 non-polymer 2-chloranyl-9-[(3-chlorophenyl)methyl]-~{N}-cyclopropyl-7,8-dihydropurin-6-amine 'C15 H15 Cl2 N5'
SO4 non-polymer 'SULFATE ION' 'O4 S -2'
#
# COMPACT_ATOMS: atom_id res chain seq x y z
N GLY A 1 -1.71 3.54 5.92
CA GLY A 1 -2.58 2.48 6.42
C GLY A 1 -1.99 1.09 6.27
N THR A 2 -2.67 0.10 6.86
CA THR A 2 -2.25 -1.29 6.77
C THR A 2 -3.15 -2.12 5.86
N SER A 3 -4.12 -1.50 5.18
CA SER A 3 -5.11 -2.27 4.44
C SER A 3 -4.50 -2.97 3.21
N LYS A 4 -3.74 -2.23 2.41
CA LYS A 4 -3.11 -2.86 1.25
C LYS A 4 -2.12 -3.93 1.68
N LEU A 5 -1.39 -3.69 2.78
CA LEU A 5 -0.48 -4.71 3.30
C LEU A 5 -1.24 -5.99 3.66
N LYS A 6 -2.34 -5.87 4.40
CA LYS A 6 -3.15 -7.04 4.72
C LYS A 6 -3.61 -7.77 3.46
N TYR A 7 -3.97 -7.01 2.42
CA TYR A 7 -4.41 -7.62 1.18
C TYR A 7 -3.29 -8.42 0.53
N VAL A 8 -2.07 -7.87 0.53
CA VAL A 8 -0.92 -8.57 -0.04
C VAL A 8 -0.65 -9.86 0.73
N LEU A 9 -0.82 -9.84 2.05
CA LEU A 9 -0.53 -11.00 2.90
C LEU A 9 -1.65 -12.03 2.91
N GLN A 10 -2.78 -11.75 2.29
CA GLN A 10 -3.91 -12.67 2.28
C GLN A 10 -3.50 -13.97 1.61
N ASP A 11 -3.69 -15.07 2.35
CA ASP A 11 -3.41 -16.42 1.85
C ASP A 11 -1.97 -16.57 1.35
N ALA A 12 -1.06 -15.78 1.90
CA ALA A 12 0.34 -15.86 1.53
C ALA A 12 1.03 -17.03 2.22
N ARG A 13 2.16 -17.43 1.66
CA ARG A 13 3.11 -18.29 2.34
C ARG A 13 4.33 -17.47 2.76
N PHE A 14 4.96 -17.88 3.86
CA PHE A 14 6.03 -17.13 4.49
C PHE A 14 7.23 -18.06 4.71
N PHE A 15 8.43 -17.57 4.44
CA PHE A 15 9.66 -18.31 4.65
C PHE A 15 10.69 -17.42 5.34
N LEU A 16 11.34 -17.97 6.34
CA LEU A 16 12.44 -17.32 7.03
C LEU A 16 13.71 -17.46 6.20
N ILE A 17 14.36 -16.34 5.91
CA ILE A 17 15.63 -16.32 5.18
C ILE A 17 16.69 -15.86 6.15
N LYS A 18 17.75 -16.64 6.32
CA LYS A 18 18.85 -16.29 7.21
C LYS A 18 20.06 -15.98 6.35
N SER A 19 20.58 -14.76 6.47
CA SER A 19 21.79 -14.34 5.78
C SER A 19 22.92 -14.26 6.80
N ASN A 20 24.10 -14.73 6.40
CA ASN A 20 25.25 -14.70 7.30
C ASN A 20 25.84 -13.30 7.46
N ASN A 21 25.48 -12.36 6.60
CA ASN A 21 26.05 -11.02 6.70
C ASN A 21 25.05 -9.97 6.22
N HIS A 22 25.29 -8.74 6.65
CA HIS A 22 24.44 -7.61 6.29
C HIS A 22 24.63 -7.22 4.83
N GLU A 23 25.82 -7.46 4.27
CA GLU A 23 26.12 -7.00 2.92
C GLU A 23 25.17 -7.62 1.90
N ASN A 24 24.86 -8.91 2.05
CA ASN A 24 23.96 -9.55 1.09
C ASN A 24 22.53 -9.04 1.22
N VAL A 25 22.07 -8.73 2.43
CA VAL A 25 20.73 -8.17 2.58
C VAL A 25 20.67 -6.77 1.97
N SER A 26 21.75 -6.00 2.13
CA SER A 26 21.80 -4.68 1.51
CA SER A 26 21.81 -4.68 1.51
C SER A 26 21.76 -4.79 0.00
N LEU A 27 22.49 -5.75 -0.58
CA LEU A 27 22.44 -5.97 -2.02
C LEU A 27 21.03 -6.35 -2.47
N ALA A 28 20.38 -7.25 -1.73
CA ALA A 28 19.02 -7.64 -2.05
C ALA A 28 18.05 -6.47 -2.02
N LYS A 29 18.21 -5.58 -1.02
CA LYS A 29 17.37 -4.39 -0.93
C LYS A 29 17.61 -3.43 -2.07
N ALA A 30 18.85 -3.32 -2.54
CA ALA A 30 19.17 -2.36 -3.59
C ALA A 30 18.77 -2.89 -4.97
N LYS A 31 18.90 -4.19 -5.19
CA LYS A 31 18.73 -4.78 -6.51
C LYS A 31 17.46 -5.59 -6.67
N GLY A 32 16.74 -5.90 -5.60
CA GLY A 32 15.50 -6.66 -5.76
C GLY A 32 15.70 -8.11 -6.15
N VAL A 33 16.71 -8.75 -5.56
CA VAL A 33 17.10 -10.11 -5.92
C VAL A 33 17.47 -10.90 -4.68
N TRP A 34 17.30 -12.21 -4.77
CA TRP A 34 17.81 -13.08 -3.73
C TRP A 34 18.21 -14.40 -4.35
N SER A 35 19.20 -15.05 -3.77
CA SER A 35 19.62 -16.37 -4.19
CA SER A 35 19.61 -16.38 -4.19
C SER A 35 19.86 -17.21 -2.95
N THR A 36 19.50 -18.49 -3.02
CA THR A 36 19.63 -19.38 -1.88
C THR A 36 20.20 -20.71 -2.35
N LEU A 37 20.42 -21.60 -1.38
CA LEU A 37 20.93 -22.94 -1.66
C LEU A 37 19.87 -23.76 -2.38
N PRO A 38 20.29 -24.76 -3.15
CA PRO A 38 19.32 -25.51 -3.99
C PRO A 38 18.16 -26.13 -3.23
N VAL A 39 18.36 -26.59 -2.00
CA VAL A 39 17.25 -27.18 -1.24
C VAL A 39 16.15 -26.15 -0.99
N ASN A 40 16.54 -24.92 -0.65
CA ASN A 40 15.55 -23.88 -0.44
C ASN A 40 15.01 -23.33 -1.75
N GLU A 41 15.85 -23.27 -2.78
CA GLU A 41 15.38 -22.80 -4.09
C GLU A 41 14.21 -23.64 -4.56
N LYS A 42 14.34 -24.97 -4.43
CA LYS A 42 13.26 -25.87 -4.82
C LYS A 42 11.99 -25.59 -4.03
N LYS A 43 12.11 -25.41 -2.73
CA LYS A 43 10.94 -25.13 -1.91
C LYS A 43 10.28 -23.82 -2.36
N LEU A 44 11.08 -22.80 -2.66
CA LEU A 44 10.51 -21.49 -3.01
C LEU A 44 9.86 -21.50 -4.38
N ASN A 45 10.45 -22.24 -5.33
CA ASN A 45 9.85 -22.36 -6.65
C ASN A 45 8.50 -23.06 -6.57
N LEU A 46 8.43 -24.16 -5.80
CA LEU A 46 7.14 -24.82 -5.57
C LEU A 46 6.15 -23.87 -4.91
N ALA A 47 6.59 -23.11 -3.92
CA ALA A 47 5.68 -22.23 -3.22
C ALA A 47 5.18 -21.10 -4.14
N PHE A 48 6.05 -20.60 -5.02
CA PHE A 48 5.69 -19.49 -5.89
C PHE A 48 4.51 -19.84 -6.78
N ARG A 49 4.47 -21.07 -7.28
CA ARG A 49 3.37 -21.50 -8.13
C ARG A 49 2.10 -21.75 -7.32
N SER A 50 2.22 -21.96 -6.01
CA SER A 50 1.14 -22.47 -5.18
C SER A 50 0.31 -21.39 -4.49
N ALA A 51 0.82 -20.17 -4.38
CA ALA A 51 0.17 -19.17 -3.54
C ALA A 51 0.19 -17.82 -4.22
N ARG A 52 -0.78 -16.98 -3.86
CA ARG A 52 -0.88 -15.64 -4.44
C ARG A 52 0.34 -14.77 -4.09
N SER A 53 0.90 -14.95 -2.89
CA SER A 53 2.10 -14.22 -2.47
C SER A 53 3.00 -15.17 -1.69
N VAL A 54 4.29 -15.15 -2.01
CA VAL A 54 5.30 -15.83 -1.21
C VAL A 54 6.17 -14.75 -0.60
N ILE A 55 6.26 -14.73 0.72
CA ILE A 55 6.91 -13.66 1.46
C ILE A 55 8.18 -14.22 2.09
N LEU A 56 9.31 -13.56 1.88
CA LEU A 56 10.58 -13.87 2.52
C LEU A 56 10.78 -12.86 3.62
N ILE A 57 11.04 -13.36 4.82
CA ILE A 57 11.30 -12.53 5.98
C ILE A 57 12.77 -12.72 6.34
N PHE A 58 13.55 -11.64 6.29
CA PHE A 58 15.00 -11.74 6.32
C PHE A 58 15.54 -11.49 7.72
N SER A 59 16.56 -12.26 8.11
CA SER A 59 17.25 -12.03 9.35
C SER A 59 18.73 -12.32 9.15
N VAL A 60 19.56 -11.32 9.46
CA VAL A 60 21.01 -11.49 9.41
C VAL A 60 21.45 -12.24 10.66
N ARG A 61 22.21 -13.30 10.46
CA ARG A 61 22.64 -14.14 11.58
C ARG A 61 23.37 -13.30 12.60
N GLU A 62 23.02 -13.52 13.88
CA GLU A 62 23.63 -12.87 15.03
C GLU A 62 23.21 -11.42 15.23
N SER A 63 22.35 -10.88 14.37
CA SER A 63 21.95 -9.49 14.50
C SER A 63 20.86 -9.28 15.56
N GLY A 64 20.15 -10.35 15.96
CA GLY A 64 19.05 -10.17 16.88
C GLY A 64 17.83 -9.51 16.29
N LYS A 65 17.75 -9.39 14.96
CA LYS A 65 16.65 -8.67 14.37
C LYS A 65 16.30 -9.31 13.02
N PHE A 66 15.09 -9.01 12.56
CA PHE A 66 14.73 -9.17 11.16
C PHE A 66 15.01 -7.84 10.47
N GLN A 67 15.42 -7.91 9.19
CA GLN A 67 15.76 -6.68 8.46
C GLN A 67 14.70 -6.25 7.46
N GLY A 68 13.61 -6.98 7.33
CA GLY A 68 12.53 -6.61 6.44
C GLY A 68 11.92 -7.83 5.82
N PHE A 69 11.00 -7.59 4.88
CA PHE A 69 10.36 -8.68 4.16
C PHE A 69 9.99 -8.25 2.77
N ALA A 70 9.90 -9.24 1.88
CA ALA A 70 9.76 -9.00 0.44
C ALA A 70 8.90 -10.11 -0.13
N ARG A 71 8.29 -9.84 -1.28
CA ARG A 71 7.47 -10.81 -1.98
C ARG A 71 8.20 -11.30 -3.22
N LEU A 72 8.27 -12.62 -3.41
CA LEU A 72 8.79 -13.16 -4.67
C LEU A 72 7.96 -12.66 -5.84
N SER A 73 8.64 -12.14 -6.86
CA SER A 73 7.97 -11.78 -8.10
C SER A 73 8.27 -12.75 -9.24
N SER A 74 9.10 -13.77 -8.99
CA SER A 74 9.43 -14.74 -10.04
C SER A 74 9.99 -15.99 -9.41
N GLU A 75 10.00 -17.07 -10.19
CA GLU A 75 10.79 -18.24 -9.84
C GLU A 75 12.27 -17.93 -10.08
N SER A 76 13.14 -18.82 -9.63
CA SER A 76 14.57 -18.57 -9.77
C SER A 76 14.97 -18.70 -11.23
N HIS A 77 15.91 -17.86 -11.66
CA HIS A 77 16.42 -17.90 -13.03
C HIS A 77 17.93 -17.76 -13.02
N HIS A 78 18.57 -18.29 -14.05
CA HIS A 78 20.03 -18.26 -14.17
C HIS A 78 20.44 -17.29 -15.27
N GLY A 79 21.63 -16.70 -15.10
CA GLY A 79 22.16 -15.73 -16.04
C GLY A 79 21.43 -14.40 -16.02
N GLY A 80 22.09 -13.34 -15.56
CA GLY A 80 21.46 -12.04 -15.50
C GLY A 80 22.43 -10.90 -15.29
N SER A 81 23.41 -11.10 -14.40
CA SER A 81 24.44 -10.15 -14.01
C SER A 81 25.05 -10.67 -12.71
N PRO A 82 26.15 -11.45 -12.78
CA PRO A 82 26.72 -12.08 -11.57
C PRO A 82 26.70 -11.19 -10.35
N ILE A 83 25.74 -11.43 -9.46
CA ILE A 83 25.59 -10.58 -8.29
C ILE A 83 26.80 -10.77 -7.39
N HIS A 84 27.38 -9.66 -6.93
CA HIS A 84 28.59 -9.70 -6.12
C HIS A 84 28.25 -9.95 -4.66
N TRP A 85 27.60 -11.09 -4.42
CA TRP A 85 27.35 -11.54 -3.06
C TRP A 85 28.67 -11.65 -2.30
N VAL A 86 28.65 -11.21 -1.04
CA VAL A 86 29.78 -11.40 -0.15
C VAL A 86 29.61 -12.79 0.48
N LEU A 87 30.24 -13.79 -0.11
CA LEU A 87 30.00 -15.18 0.27
C LEU A 87 30.69 -15.48 1.61
N PRO A 88 30.06 -16.29 2.48
CA PRO A 88 30.66 -16.74 3.73
C PRO A 88 31.40 -18.07 3.53
N ALA A 93 29.95 -20.16 -4.96
CA ALA A 93 29.24 -19.31 -5.91
C ALA A 93 28.40 -20.16 -6.86
N LYS A 94 28.94 -21.31 -7.26
CA LYS A 94 28.18 -22.25 -8.08
C LYS A 94 27.19 -23.05 -7.26
N MET A 95 27.54 -23.37 -6.00
CA MET A 95 26.62 -24.05 -5.10
C MET A 95 25.36 -23.23 -4.83
N LEU A 96 25.34 -21.97 -5.24
CA LEU A 96 24.14 -21.15 -5.13
C LEU A 96 23.22 -21.47 -6.29
N GLY A 97 21.92 -21.43 -6.03
CA GLY A 97 20.93 -21.66 -7.06
C GLY A 97 20.80 -20.47 -7.98
N GLY A 98 19.64 -20.40 -8.64
CA GLY A 98 19.30 -19.28 -9.48
C GLY A 98 18.96 -18.04 -8.66
N VAL A 99 18.49 -17.02 -9.37
CA VAL A 99 18.19 -15.72 -8.77
C VAL A 99 16.70 -15.52 -8.79
N PHE A 100 16.12 -15.22 -7.62
CA PHE A 100 14.73 -14.81 -7.55
C PHE A 100 14.66 -13.30 -7.60
N LYS A 101 13.69 -12.77 -8.35
CA LYS A 101 13.36 -11.36 -8.23
C LYS A 101 12.36 -11.17 -7.09
N ILE A 102 12.55 -10.12 -6.31
CA ILE A 102 11.70 -9.85 -5.16
C ILE A 102 11.32 -8.38 -5.16
N ASP A 103 10.12 -8.10 -4.63
CA ASP A 103 9.65 -6.75 -4.37
C ASP A 103 9.57 -6.53 -2.87
N TRP A 104 10.32 -5.56 -2.39
CA TRP A 104 10.34 -5.31 -0.97
C TRP A 104 9.00 -4.73 -0.53
N ILE A 105 8.51 -5.22 0.61
CA ILE A 105 7.28 -4.72 1.20
C ILE A 105 7.65 -3.84 2.39
N CYS A 106 8.74 -4.18 3.08
CA CYS A 106 9.19 -3.43 4.23
C CYS A 106 10.71 -3.57 4.33
N ARG A 107 11.43 -2.45 4.32
CA ARG A 107 12.88 -2.47 4.51
C ARG A 107 13.31 -2.08 5.90
N ARG A 108 12.37 -1.96 6.83
CA ARG A 108 12.63 -1.60 8.21
C ARG A 108 12.91 -2.83 9.05
N GLU A 109 13.67 -2.63 10.13
CA GLU A 109 14.07 -3.68 11.04
C GLU A 109 12.98 -3.95 12.06
N LEU A 110 12.98 -5.18 12.58
CA LEU A 110 12.18 -5.54 13.75
C LEU A 110 13.04 -6.36 14.70
N PRO A 111 13.27 -5.90 15.92
CA PRO A 111 14.04 -6.72 16.86
C PRO A 111 13.28 -7.97 17.31
N PHE A 112 14.05 -9.05 17.53
CA PHE A 112 13.46 -10.31 17.96
C PHE A 112 12.68 -10.16 19.26
N THR A 113 13.11 -9.24 20.12
CA THR A 113 12.38 -9.01 21.36
C THR A 113 10.91 -8.68 21.11
N LYS A 114 10.59 -8.08 19.95
CA LYS A 114 9.20 -7.72 19.66
C LYS A 114 8.35 -8.89 19.15
N SER A 115 8.98 -10.00 18.76
CA SER A 115 8.25 -11.14 18.21
C SER A 115 8.20 -12.31 19.17
N ALA A 116 8.56 -12.10 20.43
CA ALA A 116 8.69 -13.19 21.40
C ALA A 116 7.36 -13.88 21.69
N HIS A 117 6.23 -13.24 21.41
CA HIS A 117 4.92 -13.84 21.61
C HIS A 117 4.45 -14.68 20.42
N LEU A 118 5.24 -14.81 19.36
CA LEU A 118 4.82 -15.52 18.17
C LEU A 118 5.61 -16.81 18.05
N THR A 119 4.90 -17.94 17.99
CA THR A 119 5.52 -19.25 17.80
C THR A 119 5.08 -19.82 16.47
N ASN A 120 5.95 -20.64 15.88
CA ASN A 120 5.74 -21.18 14.54
C ASN A 120 5.34 -22.64 14.64
N PRO A 121 4.08 -23.00 14.36
CA PRO A 121 3.69 -24.43 14.41
C PRO A 121 4.55 -25.32 13.53
N TRP A 122 5.09 -24.79 12.44
CA TRP A 122 5.88 -25.64 11.55
C TRP A 122 7.32 -25.82 12.03
N ASN A 123 7.70 -25.18 13.12
CA ASN A 123 8.97 -25.45 13.78
C ASN A 123 8.74 -25.74 15.26
N GLU A 124 7.88 -26.72 15.55
CA GLU A 124 7.68 -27.23 16.91
C GLU A 124 7.23 -26.15 17.88
N HIS A 125 6.61 -25.07 17.38
CA HIS A 125 6.12 -23.97 18.20
C HIS A 125 7.24 -23.24 18.91
N LYS A 126 8.46 -23.31 18.37
CA LYS A 126 9.52 -22.46 18.83
C LYS A 126 9.24 -21.01 18.40
N PRO A 127 9.78 -20.05 19.13
CA PRO A 127 9.60 -18.64 18.74
C PRO A 127 10.01 -18.46 17.28
N VAL A 128 9.25 -17.61 16.58
CA VAL A 128 9.39 -17.51 15.14
C VAL A 128 10.79 -17.06 14.70
N LYS A 129 11.50 -16.32 15.57
CA LYS A 129 12.90 -16.00 15.29
C LYS A 129 13.76 -17.25 15.08
N ILE A 130 13.37 -18.38 15.66
CA ILE A 130 14.19 -19.60 15.59
C ILE A 130 13.84 -20.36 14.32
N GLY A 131 14.86 -20.70 13.56
CA GLY A 131 14.64 -21.46 12.35
C GLY A 131 15.83 -21.45 11.42
N ARG A 132 16.01 -22.51 10.66
CA ARG A 132 17.04 -22.55 9.65
C ARG A 132 16.64 -21.70 8.45
N ASP A 133 17.63 -21.30 7.67
CA ASP A 133 17.36 -20.67 6.39
C ASP A 133 16.37 -21.52 5.60
N GLY A 134 15.27 -20.90 5.19
CA GLY A 134 14.25 -21.58 4.42
C GLY A 134 13.09 -22.14 5.22
N GLN A 135 13.10 -22.02 6.54
CA GLN A 135 12.01 -22.57 7.35
C GLN A 135 10.70 -21.90 7.00
N GLU A 136 9.68 -22.69 6.66
CA GLU A 136 8.38 -22.11 6.43
C GLU A 136 7.72 -21.69 7.72
N ILE A 137 7.06 -20.53 7.68
CA ILE A 137 6.31 -19.97 8.79
C ILE A 137 4.83 -20.07 8.47
N GLU A 138 4.07 -20.72 9.35
CA GLU A 138 2.63 -20.91 9.15
C GLU A 138 1.93 -19.55 8.95
N LEU A 139 0.81 -19.58 8.22
CA LEU A 139 0.10 -18.38 7.78
C LEU A 139 -0.17 -17.38 8.90
N GLU A 140 -0.80 -17.82 10.00
CA GLU A 140 -1.19 -16.87 11.03
C GLU A 140 0.02 -16.25 11.73
N CYS A 141 1.03 -17.06 12.04
CA CYS A 141 2.23 -16.54 12.67
C CYS A 141 2.96 -15.59 11.71
N GLY A 142 3.04 -15.98 10.44
CA GLY A 142 3.73 -15.12 9.47
C GLY A 142 3.02 -13.80 9.24
N THR A 143 1.69 -13.83 9.19
CA THR A 143 0.92 -12.61 9.04
C THR A 143 1.15 -11.68 10.22
N GLN A 144 1.04 -12.22 11.43
CA GLN A 144 1.23 -11.39 12.61
C GLN A 144 2.65 -10.86 12.69
N LEU A 145 3.64 -11.67 12.30
CA LEU A 145 5.02 -11.19 12.33
C LEU A 145 5.19 -10.00 11.38
N CYS A 146 4.69 -10.11 10.15
CA CYS A 146 4.82 -9.01 9.20
C CYS A 146 4.10 -7.75 9.69
N LEU A 147 2.96 -7.92 10.36
CA LEU A 147 2.23 -6.77 10.87
C LEU A 147 2.94 -6.09 12.03
N LEU A 148 3.93 -6.74 12.66
CA LEU A 148 4.68 -6.09 13.73
C LEU A 148 5.70 -5.10 13.23
N PHE A 149 6.15 -5.23 11.98
CA PHE A 149 7.20 -4.36 11.49
C PHE A 149 6.69 -2.92 11.45
N PRO A 150 7.57 -1.95 11.68
CA PRO A 150 7.21 -0.55 11.46
C PRO A 150 6.75 -0.37 10.03
N PRO A 151 5.71 0.44 9.80
CA PRO A 151 5.31 0.72 8.41
C PRO A 151 6.44 1.36 7.63
N ASP A 152 6.61 0.93 6.38
CA ASP A 152 7.63 1.50 5.49
C ASP A 152 6.94 2.44 4.51
N GLU A 153 6.92 3.73 4.87
CA GLU A 153 6.17 4.71 4.09
C GLU A 153 6.83 5.05 2.76
N SER A 154 8.03 4.53 2.50
CA SER A 154 8.67 4.73 1.21
C SER A 154 8.14 3.78 0.14
N ILE A 155 7.31 2.80 0.49
CA ILE A 155 6.92 1.75 -0.43
C ILE A 155 5.43 1.92 -0.72
N ASP A 156 5.08 1.85 -2.02
CA ASP A 156 3.70 1.94 -2.47
C ASP A 156 3.32 0.54 -2.91
N LEU A 157 2.41 -0.11 -2.17
CA LEU A 157 2.03 -1.49 -2.48
C LEU A 157 1.09 -1.59 -3.68
N TYR A 158 0.75 -0.46 -4.31
CA TYR A 158 -0.14 -0.50 -5.46
C TYR A 158 0.43 -1.36 -6.59
N GLN A 159 1.73 -1.19 -6.89
CA GLN A 159 2.30 -1.98 -7.99
C GLN A 159 2.44 -3.45 -7.62
N VAL A 160 2.68 -3.75 -6.33
CA VAL A 160 2.74 -5.13 -5.88
C VAL A 160 1.40 -5.83 -6.07
N ILE A 161 0.32 -5.17 -5.69
CA ILE A 161 -1.01 -5.73 -5.91
C ILE A 161 -1.24 -6.06 -7.38
N HIS A 162 -0.66 -5.27 -8.29
CA HIS A 162 -0.87 -5.53 -9.72
C HIS A 162 -0.10 -6.74 -10.21
N LYS A 163 1.01 -7.11 -9.56
CA LYS A 163 1.71 -8.33 -9.95
C LYS A 163 0.93 -9.57 -9.55
N MET A 164 0.14 -9.48 -8.49
CA MET A 164 -0.75 -10.56 -8.10
C MET A 164 -1.83 -10.78 -9.15
N GLY B 1 -24.79 9.19 -20.55
CA GLY B 1 -24.09 10.46 -20.50
C GLY B 1 -22.79 10.38 -19.71
N THR B 2 -22.24 9.18 -19.58
CA THR B 2 -21.10 8.92 -18.71
C THR B 2 -19.78 8.84 -19.45
N SER B 3 -19.74 9.12 -20.76
CA SER B 3 -18.50 8.92 -21.51
C SER B 3 -17.37 9.78 -20.95
N LYS B 4 -17.63 11.06 -20.69
CA LYS B 4 -16.60 11.94 -20.15
C LYS B 4 -16.11 11.44 -18.79
N LEU B 5 -17.04 11.12 -17.89
CA LEU B 5 -16.62 10.70 -16.56
C LEU B 5 -15.83 9.40 -16.62
N LYS B 6 -16.28 8.44 -17.44
CA LYS B 6 -15.56 7.19 -17.55
C LYS B 6 -14.16 7.41 -18.10
N TYR B 7 -14.00 8.39 -19.00
CA TYR B 7 -12.68 8.73 -19.51
C TYR B 7 -11.79 9.27 -18.40
N VAL B 8 -12.34 10.12 -17.53
CA VAL B 8 -11.57 10.67 -16.42
C VAL B 8 -11.13 9.57 -15.46
N LEU B 9 -11.95 8.54 -15.26
CA LEU B 9 -11.72 7.51 -14.26
C LEU B 9 -10.94 6.31 -14.79
N GLN B 10 -10.60 6.28 -16.07
CA GLN B 10 -9.85 5.15 -16.60
C GLN B 10 -8.46 5.12 -15.94
N ASP B 11 -8.11 3.99 -15.35
CA ASP B 11 -6.81 3.81 -14.68
C ASP B 11 -6.60 4.78 -13.51
N ALA B 12 -7.68 5.22 -12.88
CA ALA B 12 -7.53 6.12 -11.74
C ALA B 12 -7.19 5.32 -10.47
N ARG B 13 -6.61 6.01 -9.49
CA ARG B 13 -6.55 5.53 -8.13
C ARG B 13 -7.54 6.34 -7.30
N PHE B 14 -8.09 5.72 -6.26
CA PHE B 14 -9.19 6.28 -5.49
C PHE B 14 -8.85 6.23 -4.01
N PHE B 15 -9.10 7.31 -3.29
CA PHE B 15 -8.87 7.37 -1.85
C PHE B 15 -10.10 7.92 -1.15
N LEU B 16 -10.51 7.26 -0.09
CA LEU B 16 -11.50 7.80 0.81
C LEU B 16 -10.90 8.91 1.67
N ILE B 17 -11.60 10.04 1.76
CA ILE B 17 -11.20 11.15 2.60
C ILE B 17 -12.28 11.31 3.63
N LYS B 18 -11.90 11.26 4.90
CA LYS B 18 -12.86 11.38 5.99
C LYS B 18 -12.56 12.67 6.71
N SER B 19 -13.53 13.58 6.72
CA SER B 19 -13.39 14.88 7.37
C SER B 19 -14.20 14.89 8.66
N ASN B 20 -13.64 15.53 9.69
CA ASN B 20 -14.34 15.56 10.96
C ASN B 20 -15.42 16.64 11.01
N ASN B 21 -15.49 17.51 10.00
CA ASN B 21 -16.47 18.59 10.00
C ASN B 21 -16.88 18.98 8.58
N HIS B 22 -18.09 19.53 8.48
CA HIS B 22 -18.61 19.96 7.19
C HIS B 22 -17.91 21.22 6.70
N GLU B 23 -17.38 22.04 7.62
CA GLU B 23 -16.90 23.35 7.26
C GLU B 23 -15.67 23.26 6.35
N ASN B 24 -14.78 22.30 6.63
CA ASN B 24 -13.59 22.17 5.79
C ASN B 24 -13.94 21.62 4.40
N VAL B 25 -14.97 20.78 4.31
CA VAL B 25 -15.40 20.30 3.01
C VAL B 25 -16.01 21.47 2.22
N SER B 26 -16.81 22.31 2.89
CA SER B 26 -17.38 23.47 2.20
C SER B 26 -16.28 24.38 1.69
N LEU B 27 -15.28 24.63 2.52
CA LEU B 27 -14.13 25.43 2.08
C LEU B 27 -13.46 24.77 0.88
N ALA B 28 -13.22 23.46 0.95
CA ALA B 28 -12.50 22.75 -0.10
C ALA B 28 -13.29 22.77 -1.40
N LYS B 29 -14.61 22.66 -1.29
CA LYS B 29 -15.47 22.68 -2.48
C LYS B 29 -15.40 24.01 -3.22
N ALA B 30 -15.28 25.12 -2.48
CA ALA B 30 -15.30 26.42 -3.12
C ALA B 30 -13.93 26.81 -3.66
N LYS B 31 -12.87 26.46 -2.93
CA LYS B 31 -11.51 26.89 -3.22
C LYS B 31 -10.71 25.87 -4.02
N GLY B 32 -11.13 24.60 -4.06
CA GLY B 32 -10.38 23.64 -4.83
C GLY B 32 -9.06 23.23 -4.21
N VAL B 33 -9.04 23.00 -2.90
CA VAL B 33 -7.83 22.64 -2.18
C VAL B 33 -8.18 21.61 -1.11
N TRP B 34 -7.18 20.81 -0.75
CA TRP B 34 -7.27 19.90 0.38
C TRP B 34 -5.90 19.75 1.03
N SER B 35 -5.92 19.42 2.31
CA SER B 35 -4.72 19.07 3.07
C SER B 35 -5.05 17.90 3.99
N THR B 36 -4.06 17.03 4.20
CA THR B 36 -4.24 15.83 5.01
C THR B 36 -2.97 15.60 5.82
N LEU B 37 -3.01 14.57 6.66
CA LEU B 37 -1.89 14.27 7.54
C LEU B 37 -0.71 13.69 6.76
N PRO B 38 0.49 13.70 7.34
CA PRO B 38 1.68 13.34 6.56
C PRO B 38 1.65 11.94 5.96
N VAL B 39 1.08 10.93 6.65
CA VAL B 39 1.04 9.59 6.08
C VAL B 39 0.20 9.58 4.81
N ASN B 40 -0.99 10.17 4.87
CA ASN B 40 -1.82 10.25 3.67
C ASN B 40 -1.23 11.18 2.63
N GLU B 41 -0.60 12.28 3.06
CA GLU B 41 0.03 13.18 2.10
C GLU B 41 1.03 12.45 1.23
N LYS B 42 1.86 11.60 1.85
CA LYS B 42 2.86 10.85 1.10
C LYS B 42 2.22 9.86 0.14
N LYS B 43 1.20 9.14 0.61
CA LYS B 43 0.47 8.21 -0.25
C LYS B 43 -0.13 8.92 -1.46
N LEU B 44 -0.70 10.09 -1.26
CA LEU B 44 -1.34 10.80 -2.37
C LEU B 44 -0.30 11.34 -3.36
N ASN B 45 0.86 11.79 -2.86
CA ASN B 45 1.89 12.28 -3.76
C ASN B 45 2.45 11.16 -4.63
N LEU B 46 2.69 10.00 -4.02
CA LEU B 46 3.11 8.83 -4.79
C LEU B 46 2.06 8.47 -5.83
N ALA B 47 0.78 8.50 -5.44
CA ALA B 47 -0.27 8.14 -6.38
C ALA B 47 -0.36 9.16 -7.51
N PHE B 48 -0.18 10.43 -7.20
CA PHE B 48 -0.29 11.48 -8.23
C PHE B 48 0.76 11.29 -9.32
N ARG B 49 1.96 10.85 -8.95
CA ARG B 49 3.02 10.65 -9.94
C ARG B 49 2.84 9.37 -10.74
N SER B 50 2.16 8.37 -10.18
CA SER B 50 2.07 7.06 -10.83
C SER B 50 0.77 6.86 -11.60
N ALA B 51 -0.31 7.57 -11.25
CA ALA B 51 -1.62 7.32 -11.80
C ALA B 51 -2.06 8.45 -12.70
N ARG B 52 -2.87 8.10 -13.70
CA ARG B 52 -3.38 9.07 -14.66
C ARG B 52 -4.37 10.04 -14.01
N SER B 53 -5.15 9.58 -13.03
CA SER B 53 -6.00 10.43 -12.21
C SER B 53 -5.99 9.87 -10.80
N VAL B 54 -5.98 10.77 -9.82
CA VAL B 54 -6.14 10.41 -8.41
C VAL B 54 -7.41 11.06 -7.91
N ILE B 55 -8.35 10.25 -7.47
CA ILE B 55 -9.68 10.69 -7.10
C ILE B 55 -9.80 10.61 -5.59
N LEU B 56 -10.24 11.69 -4.97
CA LEU B 56 -10.56 11.75 -3.55
C LEU B 56 -12.08 11.73 -3.42
N ILE B 57 -12.60 10.79 -2.64
CA ILE B 57 -14.04 10.67 -2.41
C ILE B 57 -14.28 11.03 -0.96
N PHE B 58 -15.06 12.10 -0.72
CA PHE B 58 -15.15 12.74 0.59
C PHE B 58 -16.36 12.25 1.36
N SER B 59 -16.16 12.02 2.65
CA SER B 59 -17.26 11.72 3.57
C SER B 59 -17.00 12.38 4.91
N VAL B 60 -17.92 13.23 5.34
CA VAL B 60 -17.87 13.85 6.66
C VAL B 60 -18.27 12.81 7.71
N ARG B 61 -17.45 12.65 8.74
CA ARG B 61 -17.74 11.70 9.80
C ARG B 61 -19.14 11.90 10.37
N GLU B 62 -19.87 10.79 10.51
CA GLU B 62 -21.20 10.72 11.09
C GLU B 62 -22.31 11.31 10.23
N SER B 63 -22.01 11.70 8.98
CA SER B 63 -23.03 12.27 8.11
C SER B 63 -23.88 11.21 7.42
N GLY B 64 -23.41 9.97 7.36
CA GLY B 64 -24.11 8.95 6.61
C GLY B 64 -24.08 9.12 5.11
N LYS B 65 -23.20 9.99 4.60
CA LYS B 65 -23.17 10.27 3.17
C LYS B 65 -21.73 10.54 2.75
N PHE B 66 -21.52 10.43 1.44
CA PHE B 66 -20.38 11.08 0.79
C PHE B 66 -20.84 12.44 0.29
N GLN B 67 -19.94 13.41 0.31
CA GLN B 67 -20.25 14.78 -0.09
C GLN B 67 -19.77 15.13 -1.47
N GLY B 68 -19.07 14.24 -2.14
CA GLY B 68 -18.65 14.46 -3.51
C GLY B 68 -17.30 13.85 -3.75
N PHE B 69 -16.75 14.10 -4.94
CA PHE B 69 -15.42 13.59 -5.26
C PHE B 69 -14.71 14.58 -6.17
N ALA B 70 -13.37 14.50 -6.13
CA ALA B 70 -12.53 15.46 -6.80
C ALA B 70 -11.28 14.75 -7.30
N ARG B 71 -10.62 15.36 -8.27
CA ARG B 71 -9.39 14.84 -8.87
C ARG B 71 -8.23 15.74 -8.47
N LEU B 72 -7.14 15.15 -7.97
CA LEU B 72 -5.93 15.91 -7.73
C LEU B 72 -5.42 16.54 -9.01
N SER B 73 -5.15 17.84 -8.96
CA SER B 73 -4.46 18.49 -10.07
C SER B 73 -3.00 18.79 -9.76
N SER B 74 -2.55 18.53 -8.54
CA SER B 74 -1.17 18.80 -8.16
C SER B 74 -0.77 17.88 -7.03
N GLU B 75 0.55 17.69 -6.89
CA GLU B 75 1.12 17.18 -5.66
C GLU B 75 0.93 18.22 -4.57
N SER B 76 1.17 17.82 -3.33
CA SER B 76 1.07 18.78 -2.24
C SER B 76 2.21 19.79 -2.38
N HIS B 77 1.93 21.03 -1.99
CA HIS B 77 2.93 22.08 -2.09
C HIS B 77 2.83 22.95 -0.85
N HIS B 78 3.98 23.29 -0.29
CA HIS B 78 4.05 24.12 0.90
C HIS B 78 4.39 25.55 0.52
N GLY B 79 4.01 26.48 1.40
CA GLY B 79 4.37 27.87 1.22
C GLY B 79 3.42 28.72 0.42
N GLY B 80 2.15 28.30 0.30
CA GLY B 80 1.15 29.12 -0.33
C GLY B 80 0.45 30.03 0.66
N SER B 81 -0.57 30.73 0.18
CA SER B 81 -1.38 31.54 1.07
C SER B 81 -2.03 30.63 2.11
N PRO B 82 -2.06 31.03 3.38
CA PRO B 82 -2.55 30.12 4.43
C PRO B 82 -4.04 29.83 4.30
N ILE B 83 -4.37 28.61 3.86
CA ILE B 83 -5.77 28.20 3.84
C ILE B 83 -6.24 28.10 5.29
N HIS B 84 -7.29 28.85 5.61
CA HIS B 84 -7.74 28.98 7.00
C HIS B 84 -8.75 27.88 7.32
N TRP B 85 -8.24 26.66 7.35
CA TRP B 85 -9.04 25.52 7.75
C TRP B 85 -9.59 25.73 9.15
N VAL B 86 -10.72 25.09 9.43
CA VAL B 86 -11.22 24.96 10.79
C VAL B 86 -10.49 23.75 11.36
N LEU B 87 -9.46 24.01 12.15
CA LEU B 87 -8.57 22.93 12.56
C LEU B 87 -9.15 22.14 13.73
N PRO B 88 -9.14 20.82 13.68
CA PRO B 88 -9.58 20.03 14.84
C PRO B 88 -8.57 20.16 15.98
N ALA B 89 -9.07 20.00 17.19
CA ALA B 89 -8.21 20.01 18.35
C ALA B 89 -7.30 18.78 18.39
N MET B 91 -4.94 19.10 16.03
CA MET B 91 -4.59 19.08 14.61
C MET B 91 -4.27 20.48 14.10
N SER B 92 -3.54 21.25 14.89
CA SER B 92 -3.17 22.60 14.52
C SER B 92 -2.38 22.60 13.21
N ALA B 93 -2.31 23.79 12.59
CA ALA B 93 -1.84 24.02 11.23
C ALA B 93 -0.69 23.11 10.78
N LYS B 94 0.55 23.57 10.96
CA LYS B 94 1.80 22.91 10.57
C LYS B 94 1.66 21.48 10.05
N MET B 95 1.09 20.59 10.88
CA MET B 95 0.92 19.19 10.47
C MET B 95 0.06 19.09 9.22
N LEU B 96 -1.10 19.75 9.23
CA LEU B 96 -1.99 19.75 8.08
C LEU B 96 -1.48 20.67 6.98
N GLY B 97 -0.15 20.74 6.84
CA GLY B 97 0.45 21.52 5.78
C GLY B 97 0.67 20.69 4.53
N GLY B 98 1.06 21.39 3.46
CA GLY B 98 1.08 20.78 2.15
C GLY B 98 -0.31 20.80 1.57
N VAL B 99 -0.53 21.62 0.55
CA VAL B 99 -1.86 21.82 -0.02
C VAL B 99 -1.90 21.16 -1.39
N PHE B 100 -2.87 20.28 -1.60
CA PHE B 100 -3.16 19.73 -2.91
C PHE B 100 -4.19 20.61 -3.58
N LYS B 101 -3.96 20.93 -4.85
CA LYS B 101 -5.02 21.53 -5.65
C LYS B 101 -5.88 20.40 -6.19
N ILE B 102 -7.20 20.60 -6.13
CA ILE B 102 -8.16 19.58 -6.57
C ILE B 102 -9.21 20.23 -7.44
N ASP B 103 -9.67 19.47 -8.43
CA ASP B 103 -10.77 19.86 -9.29
C ASP B 103 -11.96 18.97 -8.96
N TRP B 104 -13.02 19.57 -8.48
CA TRP B 104 -14.20 18.79 -8.13
C TRP B 104 -14.88 18.26 -9.38
N ILE B 105 -15.30 17.01 -9.30
CA ILE B 105 -16.02 16.34 -10.37
C ILE B 105 -17.49 16.29 -9.99
N CYS B 106 -17.78 16.15 -8.70
CA CYS B 106 -19.16 16.16 -8.26
C CYS B 106 -19.16 16.72 -6.85
N ARG B 107 -20.01 17.71 -6.58
CA ARG B 107 -20.11 18.27 -5.25
C ARG B 107 -21.45 17.92 -4.63
N ARG B 108 -22.19 16.99 -5.20
CA ARG B 108 -23.47 16.56 -4.68
C ARG B 108 -23.30 15.34 -3.79
N GLU B 109 -24.27 15.18 -2.88
CA GLU B 109 -24.17 14.12 -1.89
C GLU B 109 -24.62 12.79 -2.47
N LEU B 110 -24.06 11.73 -1.89
CA LEU B 110 -24.52 10.36 -2.16
C LEU B 110 -24.71 9.68 -0.82
N PRO B 111 -25.94 9.35 -0.43
CA PRO B 111 -26.12 8.66 0.86
C PRO B 111 -25.55 7.25 0.79
N PHE B 112 -25.05 6.80 1.95
CA PHE B 112 -24.52 5.45 2.05
C PHE B 112 -25.55 4.39 1.67
N THR B 113 -26.84 4.71 1.76
CA THR B 113 -27.88 3.75 1.38
C THR B 113 -27.82 3.43 -0.11
N LYS B 114 -27.24 4.30 -0.93
CA LYS B 114 -27.14 4.06 -2.36
C LYS B 114 -25.86 3.33 -2.74
N SER B 115 -24.93 3.14 -1.80
CA SER B 115 -23.67 2.45 -2.06
C SER B 115 -23.56 1.14 -1.29
N ALA B 116 -24.66 0.69 -0.68
CA ALA B 116 -24.64 -0.46 0.22
C ALA B 116 -24.24 -1.75 -0.48
N HIS B 117 -24.39 -1.82 -1.79
CA HIS B 117 -24.05 -3.01 -2.56
C HIS B 117 -22.57 -3.07 -2.98
N LEU B 118 -21.79 -2.01 -2.74
CA LEU B 118 -20.40 -1.99 -3.19
C LEU B 118 -19.46 -2.28 -2.02
N THR B 119 -18.53 -3.19 -2.25
CA THR B 119 -17.53 -3.56 -1.25
C THR B 119 -16.15 -3.35 -1.83
N ASN B 120 -15.20 -3.00 -0.96
CA ASN B 120 -13.84 -2.66 -1.37
C ASN B 120 -12.92 -3.85 -1.13
N PRO B 121 -12.40 -4.52 -2.16
CA PRO B 121 -11.51 -5.67 -1.92
C PRO B 121 -10.24 -5.33 -1.15
N TRP B 122 -9.78 -4.09 -1.23
CA TRP B 122 -8.56 -3.69 -0.53
C TRP B 122 -8.85 -3.22 0.89
N ASN B 123 -10.09 -3.40 1.37
CA ASN B 123 -10.42 -3.25 2.77
C ASN B 123 -11.28 -4.42 3.22
N GLU B 124 -10.75 -5.63 3.00
CA GLU B 124 -11.36 -6.89 3.47
C GLU B 124 -12.77 -7.10 2.93
N HIS B 125 -13.08 -6.51 1.77
CA HIS B 125 -14.36 -6.70 1.11
C HIS B 125 -15.50 -6.13 1.95
N LYS B 126 -15.18 -5.13 2.77
CA LYS B 126 -16.20 -4.42 3.53
C LYS B 126 -16.89 -3.39 2.65
N PRO B 127 -18.14 -3.03 2.98
CA PRO B 127 -18.83 -1.97 2.23
C PRO B 127 -17.97 -0.73 2.13
N VAL B 128 -18.01 -0.11 0.94
CA VAL B 128 -17.05 0.93 0.59
C VAL B 128 -17.15 2.14 1.51
N LYS B 129 -18.31 2.37 2.12
CA LYS B 129 -18.45 3.44 3.10
C LYS B 129 -17.53 3.27 4.31
N ILE B 130 -17.09 2.05 4.60
CA ILE B 130 -16.27 1.77 5.78
C ILE B 130 -14.81 2.03 5.41
N GLY B 131 -14.16 2.87 6.20
CA GLY B 131 -12.74 3.03 6.00
C GLY B 131 -12.19 4.24 6.73
N ARG B 132 -10.89 4.20 7.01
CA ARG B 132 -10.21 5.30 7.63
C ARG B 132 -9.92 6.38 6.59
N ASP B 133 -9.70 7.61 7.06
CA ASP B 133 -9.18 8.65 6.19
C ASP B 133 -7.96 8.14 5.43
N GLY B 134 -8.02 8.24 4.11
CA GLY B 134 -6.92 7.81 3.28
C GLY B 134 -7.03 6.39 2.76
N GLN B 135 -8.07 5.65 3.13
CA GLN B 135 -8.20 4.26 2.71
C GLN B 135 -8.26 4.22 1.20
N GLU B 136 -7.37 3.45 0.58
CA GLU B 136 -7.40 3.33 -0.88
C GLU B 136 -8.51 2.37 -1.28
N ILE B 137 -9.20 2.69 -2.38
CA ILE B 137 -10.32 1.92 -2.89
C ILE B 137 -9.90 1.31 -4.22
N GLU B 138 -10.11 0.01 -4.36
CA GLU B 138 -9.71 -0.68 -5.58
C GLU B 138 -10.43 -0.07 -6.79
N LEU B 139 -9.79 -0.16 -7.96
CA LEU B 139 -10.22 0.53 -9.17
C LEU B 139 -11.69 0.32 -9.51
N GLU B 140 -12.14 -0.94 -9.61
CA GLU B 140 -13.51 -1.15 -10.06
C GLU B 140 -14.52 -0.68 -9.02
N CYS B 141 -14.24 -0.92 -7.75
CA CYS B 141 -15.12 -0.42 -6.69
C CYS B 141 -15.18 1.11 -6.73
N GLY B 142 -14.01 1.77 -6.82
CA GLY B 142 -13.99 3.23 -6.86
C GLY B 142 -14.73 3.78 -8.06
N THR B 143 -14.55 3.14 -9.21
CA THR B 143 -15.24 3.59 -10.42
C THR B 143 -16.74 3.49 -10.28
N GLN B 144 -17.23 2.35 -9.81
CA GLN B 144 -18.68 2.21 -9.64
C GLN B 144 -19.23 3.16 -8.58
N LEU B 145 -18.47 3.39 -7.51
CA LEU B 145 -18.91 4.36 -6.50
C LEU B 145 -19.07 5.76 -7.13
N CYS B 146 -18.07 6.21 -7.89
CA CYS B 146 -18.16 7.52 -8.51
C CYS B 146 -19.32 7.61 -9.49
N LEU B 147 -19.63 6.50 -10.19
CA LEU B 147 -20.74 6.54 -11.14
C LEU B 147 -22.10 6.60 -10.45
N LEU B 148 -22.16 6.31 -9.15
CA LEU B 148 -23.40 6.42 -8.39
C LEU B 148 -23.83 7.86 -8.13
N PHE B 149 -22.89 8.80 -8.12
CA PHE B 149 -23.23 10.17 -7.76
C PHE B 149 -24.12 10.78 -8.83
N PRO B 150 -25.05 11.66 -8.45
CA PRO B 150 -25.86 12.33 -9.46
C PRO B 150 -25.03 13.30 -10.26
N PRO B 151 -25.45 13.62 -11.48
CA PRO B 151 -24.71 14.61 -12.28
C PRO B 151 -24.75 15.96 -11.59
N ASP B 152 -23.64 16.69 -11.67
CA ASP B 152 -23.53 18.00 -11.04
C ASP B 152 -23.48 19.07 -12.12
N GLU B 153 -24.56 19.86 -12.19
CA GLU B 153 -24.73 20.86 -13.25
C GLU B 153 -23.84 22.08 -13.04
N SER B 154 -23.22 22.22 -11.86
CA SER B 154 -22.28 23.29 -11.59
C SER B 154 -20.89 22.98 -12.11
N ILE B 155 -20.64 21.74 -12.54
CA ILE B 155 -19.30 21.29 -12.90
C ILE B 155 -19.22 21.13 -14.40
N ASP B 156 -18.12 21.61 -14.98
CA ASP B 156 -17.75 21.39 -16.37
C ASP B 156 -16.49 20.53 -16.37
N LEU B 157 -16.60 19.31 -16.90
CA LEU B 157 -15.45 18.40 -16.94
C LEU B 157 -14.36 18.84 -17.92
N TYR B 158 -14.58 19.91 -18.68
CA TYR B 158 -13.67 20.29 -19.76
C TYR B 158 -12.27 20.59 -19.23
N GLN B 159 -12.17 21.36 -18.14
CA GLN B 159 -10.86 21.71 -17.60
C GLN B 159 -10.09 20.48 -17.15
N VAL B 160 -10.79 19.55 -16.50
CA VAL B 160 -10.15 18.33 -16.03
C VAL B 160 -9.64 17.51 -17.21
N ILE B 161 -10.47 17.34 -18.23
CA ILE B 161 -10.10 16.52 -19.37
C ILE B 161 -8.84 17.06 -20.04
N HIS B 162 -8.70 18.38 -20.12
CA HIS B 162 -7.47 18.97 -20.66
C HIS B 162 -6.30 18.96 -19.69
N LYS B 163 -6.52 18.64 -18.41
CA LYS B 163 -5.41 18.48 -17.48
C LYS B 163 -4.79 17.10 -17.55
N MET B 164 -5.37 16.18 -18.32
CA MET B 164 -4.88 14.82 -18.38
C MET B 164 -4.03 14.66 -19.65
C10 JO0 C . 23.06 -17.24 3.54
C13 JO0 C . 23.83 -19.98 5.28
C20 JO0 C . 21.50 -18.74 3.25
C02 JO0 C . 24.67 -15.26 3.21
C04 JO0 C . 23.01 -15.84 1.44
C06 JO0 C . 23.15 -14.70 -0.80
C07 JO0 C . 24.50 -15.26 -1.27
C08 JO0 C . 23.29 -15.29 -2.21
C09 JO0 C . 22.50 -17.02 2.32
C12 JO0 C . 22.77 -18.88 5.43
N03 JO0 C . 24.07 -15.00 1.92
N05 JO0 C . 22.43 -15.58 0.14
N11 JO0 C . 22.46 -18.30 4.10
N21 JO0 C . 21.54 -17.94 2.14
N22 JO0 C . 24.18 -16.36 4.04
CL01 JO0 C . 26.00 -14.23 3.81
S SO4 D . -4.04 1.79 2.74
O1 SO4 D . -3.38 0.59 2.22
O2 SO4 D . -4.97 2.26 1.72
O3 SO4 D . -2.98 2.76 3.03
O4 SO4 D . -4.72 1.49 3.99
S SO4 E . 9.42 -26.75 6.65
O1 SO4 E . 8.76 -27.29 5.46
O2 SO4 E . 10.61 -27.54 6.96
O3 SO4 E . 9.85 -25.37 6.38
O4 SO4 E . 8.51 -26.76 7.80
S SO4 F . 16.79 -20.42 -16.02
O1 SO4 F . 17.64 -19.24 -16.17
O2 SO4 F . 17.16 -21.40 -17.05
O3 SO4 F . 15.38 -20.06 -16.17
O4 SO4 F . 17.00 -21.02 -14.71
S SO4 G . 20.77 -22.23 8.31
O1 SO4 G . 19.80 -22.76 7.36
O2 SO4 G . 21.83 -21.62 7.50
O3 SO4 G . 20.21 -21.19 9.15
O4 SO4 G . 21.26 -23.32 9.15
C10 JO0 H . -9.64 15.72 8.67
C13 JO0 H . -8.65 13.37 10.86
C15 JO0 H . -7.77 14.36 13.14
C17 JO0 H . -6.71 13.25 13.24
C20 JO0 H . -8.16 14.35 7.80
C02 JO0 H . -11.07 17.80 9.16
C04 JO0 H . -9.30 17.86 7.41
C06 JO0 H . -8.44 20.04 6.48
C07 JO0 H . -7.93 20.58 7.83
C08 JO0 H . -7.00 20.54 6.62
C09 JO0 H . -8.95 16.38 7.70
C12 JO0 H . -9.62 13.41 9.64
C14 JO0 H . -8.74 14.43 11.96
C18 JO0 H . -6.63 12.18 12.13
C19 JO0 H . -7.60 12.24 10.94
N03 JO0 H . -10.35 18.52 8.14
N05 JO0 H . -8.57 18.60 6.39
N11 JO0 H . -9.16 14.46 8.73
N21 JO0 H . -8.04 15.55 7.16
N22 JO0 H . -10.73 16.40 9.45
CL01 JO0 H . -12.38 18.59 10.10
CL16 JO0 H . -7.86 15.59 14.43
S SO4 I . -26.98 18.06 -3.22
O1 SO4 I . -27.42 17.06 -4.20
O2 SO4 I . -26.34 19.17 -3.91
O3 SO4 I . -26.01 17.43 -2.32
O4 SO4 I . -28.12 18.57 -2.44
S SO4 J . -31.65 15.80 -9.81
O1 SO4 J . -31.53 16.66 -10.99
O2 SO4 J . -30.44 15.01 -9.65
O3 SO4 J . -32.78 14.89 -9.97
O4 SO4 J . -31.89 16.63 -8.63
S SO4 K . -9.06 8.87 10.78
O1 SO4 K . -9.67 7.78 10.03
O2 SO4 K . -7.62 8.93 10.55
O3 SO4 K . -9.68 10.12 10.34
O4 SO4 K . -9.32 8.66 12.21
#